data_5CXY
#
_entry.id   5CXY
#
_cell.length_a   72.840
_cell.length_b   96.640
_cell.length_c   124.780
_cell.angle_alpha   90.000
_cell.angle_beta   90.000
_cell.angle_gamma   90.000
#
_symmetry.space_group_name_H-M   'P 21 21 21'
#
loop_
_entity.id
_entity.type
_entity.pdbx_description
1 polymer 'Sia-alpha-2,3-Gal-beta-1,4-GlcNAc-R:alpha 2,8-sialyltransferase'
2 branched beta-D-mannopyranose-(1-4)-2-acetamido-2-deoxy-beta-D-glucopyranose-(1-4)-2-acetamido-2-deoxy-beta-D-glucopyranose
3 branched 2-acetamido-2-deoxy-beta-D-glucopyranose-(1-4)-2-acetamido-2-deoxy-beta-D-glucopyranose
4 branched 2-acetamido-2-deoxy-beta-D-glucopyranose-(1-4)-[alpha-L-fucopyranose-(1-6)]2-acetamido-2-deoxy-beta-D-glucopyranose
5 non-polymer "5'-O-[(R)-[(S)-[3-(acetylamino)phenyl](phosphono)methoxy](hydroxy)phosphoryl]cytidine"
6 non-polymer 2-acetamido-2-deoxy-beta-D-glucopyranose
7 water water
#
_entity_poly.entity_id   1
_entity_poly.type   'polypeptide(L)'
_entity_poly.pdbx_seq_one_letter_code
;APEHHHHHHDYDIPTTENLYFQGQELQEKPSKWKFNRTAFLHQRQEILQHVDVIKNFSLTKNSVRIGQLMHYDYSSHKYV
FSISNNFRSLLPDVSPIMNKHYNICAVVGNSGILTGSQCGQEIDKSDFVFRCNFAPTEAFQRDVGRKTNLTTFNPSILEK
YYNNLLTIQDRNNFFLSLKKLDGAILWIPAFFFHTSATVTRTLVDFFVEHRGQLKVQLAWPGNIMQHVNRYWKNKHLSPK
RLSTGILMYTLASAICEEIHLYGFWPFGFDPNTREDLPYHYYDKKGTKFTTKWQESHQLPAEFQLLYRMHGEGLTKLTLS
HCA
;
_entity_poly.pdbx_strand_id   A,B
#
# COMPACT_ATOMS: atom_id res chain seq x y z
N LYS A 32 8.19 -2.14 50.56
CA LYS A 32 9.25 -1.12 50.39
C LYS A 32 8.57 0.12 49.78
N TRP A 33 8.07 -0.04 48.54
CA TRP A 33 7.49 1.08 47.81
C TRP A 33 6.10 1.39 48.37
N LYS A 34 5.80 2.68 48.50
CA LYS A 34 4.53 3.18 48.99
C LYS A 34 3.96 4.23 48.04
N PHE A 35 2.74 4.00 47.56
CA PHE A 35 2.08 4.91 46.64
C PHE A 35 1.84 6.24 47.35
N ASN A 36 2.17 7.35 46.70
CA ASN A 36 1.74 8.65 47.07
C ASN A 36 0.65 9.14 46.09
N ARG A 37 -0.60 8.86 46.45
CA ARG A 37 -1.80 9.18 45.62
C ARG A 37 -1.86 10.64 45.28
N THR A 38 -1.60 11.48 46.27
CA THR A 38 -1.64 12.93 46.08
C THR A 38 -0.66 13.45 45.11
N ALA A 39 0.57 12.99 45.24
CA ALA A 39 1.58 13.42 44.26
C ALA A 39 1.23 12.85 42.87
N PHE A 40 0.77 11.61 42.79
CA PHE A 40 0.40 11.06 41.43
C PHE A 40 -0.70 11.89 40.76
N LEU A 41 -1.79 12.15 41.49
CA LEU A 41 -2.88 13.02 40.99
C LEU A 41 -2.46 14.44 40.65
N HIS A 42 -1.47 14.98 41.34
CA HIS A 42 -0.87 16.27 40.93
C HIS A 42 -0.13 16.10 39.61
N GLN A 43 0.57 14.98 39.43
CA GLN A 43 1.18 14.68 38.13
C GLN A 43 0.08 14.55 37.04
N ARG A 44 -0.99 13.79 37.33
CA ARG A 44 -2.15 13.73 36.36
C ARG A 44 -2.62 15.10 35.93
N GLN A 45 -2.77 15.99 36.89
CA GLN A 45 -3.25 17.38 36.62
C GLN A 45 -2.27 18.13 35.78
N GLU A 46 -1.00 17.99 36.09
CA GLU A 46 0.03 18.65 35.29
C GLU A 46 0.07 18.11 33.88
N ILE A 47 -0.06 16.79 33.72
CA ILE A 47 -0.11 16.25 32.35
C ILE A 47 -1.35 16.81 31.64
N LEU A 48 -2.51 16.80 32.30
CA LEU A 48 -3.75 17.31 31.67
C LEU A 48 -3.65 18.78 31.24
N GLN A 49 -2.82 19.58 31.89
CA GLN A 49 -2.65 20.98 31.52
C GLN A 49 -1.87 21.13 30.27
N HIS A 50 -1.09 20.13 29.92
CA HIS A 50 -0.36 20.20 28.68
C HIS A 50 -0.95 19.35 27.58
N VAL A 51 -1.61 18.25 27.93
CA VAL A 51 -2.18 17.33 26.93
C VAL A 51 -3.63 17.02 27.24
N ASP A 52 -4.51 17.23 26.30
CA ASP A 52 -5.87 16.75 26.49
C ASP A 52 -5.84 15.29 26.10
N VAL A 53 -5.66 14.43 27.07
CA VAL A 53 -5.47 13.00 26.84
C VAL A 53 -6.70 12.32 26.26
N ILE A 54 -7.89 12.67 26.77
CA ILE A 54 -9.14 12.10 26.32
C ILE A 54 -9.33 12.34 24.82
N LYS A 55 -9.08 13.57 24.38
CA LYS A 55 -9.20 13.88 23.01
C LYS A 55 -8.02 13.28 22.17
N ASN A 56 -6.79 13.53 22.60
CA ASN A 56 -5.58 13.10 21.85
C ASN A 56 -5.54 11.56 21.69
N PHE A 57 -6.22 10.82 22.58
CA PHE A 57 -6.27 9.37 22.54
C PHE A 57 -6.68 8.81 21.17
N SER A 58 -7.60 9.48 20.49
CA SER A 58 -8.04 9.05 19.16
C SER A 58 -8.75 10.17 18.40
N LEU A 59 -8.49 10.28 17.10
CA LEU A 59 -9.35 11.04 16.22
C LEU A 59 -10.73 10.44 16.34
N THR A 60 -11.77 11.23 16.12
CA THR A 60 -13.17 10.75 16.07
C THR A 60 -13.78 11.15 14.72
N LYS A 61 -14.90 10.59 14.36
CA LYS A 61 -15.47 10.77 13.00
C LYS A 61 -15.63 12.25 12.71
N ASN A 62 -16.20 12.97 13.66
CA ASN A 62 -16.46 14.40 13.48
C ASN A 62 -15.24 15.27 13.67
N SER A 63 -14.05 14.74 13.92
CA SER A 63 -12.90 15.63 13.97
C SER A 63 -12.08 15.66 12.67
N VAL A 64 -12.48 14.88 11.66
CA VAL A 64 -11.81 14.89 10.40
C VAL A 64 -12.84 15.04 9.30
N ARG A 65 -12.41 15.60 8.18
CA ARG A 65 -13.21 15.65 6.98
C ARG A 65 -12.66 14.65 5.99
N ILE A 66 -13.53 14.11 5.16
CA ILE A 66 -13.12 13.32 4.02
C ILE A 66 -12.34 14.23 3.07
N GLY A 67 -11.15 13.82 2.64
CA GLY A 67 -10.31 14.67 1.77
C GLY A 67 -9.28 15.51 2.52
N GLN A 68 -9.42 15.57 3.83
CA GLN A 68 -8.42 16.22 4.64
C GLN A 68 -7.02 15.59 4.53
N LEU A 69 -5.98 16.43 4.37
CA LEU A 69 -4.61 15.95 4.28
C LEU A 69 -3.95 15.96 5.65
N MET A 70 -3.53 14.79 6.10
CA MET A 70 -2.75 14.64 7.34
C MET A 70 -1.29 14.72 7.06
N HIS A 71 -0.52 15.21 8.04
CA HIS A 71 0.94 15.18 7.98
C HIS A 71 1.44 14.20 9.03
N TYR A 72 2.76 14.01 9.09
CA TYR A 72 3.37 13.07 9.99
C TYR A 72 4.23 13.75 11.06
N ASP A 73 4.06 13.33 12.32
CA ASP A 73 4.75 14.01 13.42
C ASP A 73 6.27 13.88 13.27
N TYR A 74 6.77 12.75 12.78
CA TYR A 74 8.22 12.51 12.73
C TYR A 74 8.82 12.39 11.33
N SER A 75 8.15 12.89 10.33
CA SER A 75 8.69 12.90 8.99
C SER A 75 8.66 14.32 8.42
N SER A 76 9.38 14.51 7.32
CA SER A 76 9.32 15.75 6.63
C SER A 76 7.86 16.12 6.31
N HIS A 77 7.57 17.42 6.34
CA HIS A 77 6.24 17.96 6.13
C HIS A 77 5.65 17.70 4.73
N LYS A 78 6.51 17.38 3.76
CA LYS A 78 6.06 17.08 2.42
C LYS A 78 5.18 15.81 2.30
N TYR A 79 5.32 14.90 3.25
CA TYR A 79 4.52 13.69 3.27
C TYR A 79 3.08 13.96 3.74
N VAL A 80 2.15 13.50 2.94
CA VAL A 80 0.74 13.65 3.23
C VAL A 80 -0.01 12.31 3.13
N PHE A 81 -1.14 12.25 3.84
CA PHE A 81 -2.07 11.16 3.74
C PHE A 81 -3.50 11.72 3.68
N SER A 82 -4.22 11.43 2.61
CA SER A 82 -5.58 11.95 2.46
C SER A 82 -6.58 11.05 3.21
N ILE A 83 -7.41 11.65 4.07
CA ILE A 83 -8.40 10.88 4.80
C ILE A 83 -9.53 10.42 3.85
N SER A 84 -9.72 9.13 3.70
CA SER A 84 -10.78 8.59 2.88
C SER A 84 -12.05 8.36 3.70
N ASN A 85 -13.16 8.20 3.00
CA ASN A 85 -14.42 7.75 3.55
C ASN A 85 -14.28 6.52 4.43
N ASN A 86 -13.51 5.57 3.94
CA ASN A 86 -13.27 4.32 4.66
C ASN A 86 -12.48 4.49 5.93
N PHE A 87 -11.46 5.29 5.89
CA PHE A 87 -10.70 5.62 7.09
C PHE A 87 -11.62 6.25 8.12
N ARG A 88 -12.34 7.29 7.74
CA ARG A 88 -13.28 8.00 8.67
C ARG A 88 -14.27 7.04 9.26
N SER A 89 -14.74 6.07 8.48
CA SER A 89 -15.75 5.09 8.95
C SER A 89 -15.18 4.18 10.03
N LEU A 90 -13.84 4.11 10.17
CA LEU A 90 -13.22 3.29 11.25
C LEU A 90 -12.92 4.06 12.54
N LEU A 91 -13.15 5.38 12.52
CA LEU A 91 -12.90 6.24 13.68
C LEU A 91 -14.06 6.07 14.67
N PRO A 92 -13.79 6.18 16.00
CA PRO A 92 -14.89 6.10 16.92
C PRO A 92 -15.66 7.37 16.88
N ASP A 93 -16.92 7.29 17.33
CA ASP A 93 -17.77 8.46 17.51
C ASP A 93 -17.30 9.35 18.65
N VAL A 94 -16.93 8.73 19.75
CA VAL A 94 -16.45 9.44 20.94
C VAL A 94 -15.14 8.81 21.40
N SER A 95 -14.34 9.55 22.15
CA SER A 95 -13.11 8.97 22.66
C SER A 95 -13.44 7.64 23.31
N PRO A 96 -12.73 6.57 22.95
CA PRO A 96 -12.91 5.29 23.68
C PRO A 96 -12.48 5.30 25.12
N ILE A 97 -11.79 6.32 25.60
CA ILE A 97 -11.52 6.40 27.05
C ILE A 97 -12.38 7.44 27.80
N MET A 98 -13.38 8.01 27.12
CA MET A 98 -14.26 8.99 27.79
C MET A 98 -15.04 8.33 28.91
N ASN A 99 -14.98 8.92 30.11
CA ASN A 99 -15.63 8.40 31.30
C ASN A 99 -15.26 6.97 31.65
N LYS A 100 -14.08 6.54 31.26
CA LYS A 100 -13.48 5.31 31.69
C LYS A 100 -12.52 5.53 32.88
N HIS A 101 -12.52 4.59 33.81
CA HIS A 101 -11.73 4.71 35.02
C HIS A 101 -11.27 3.35 35.44
N TYR A 102 -9.96 3.22 35.62
CA TYR A 102 -9.43 1.95 36.07
C TYR A 102 -8.55 2.18 37.26
N ASN A 103 -8.70 1.33 38.26
CA ASN A 103 -8.04 1.51 39.54
C ASN A 103 -6.51 1.29 39.42
N ILE A 104 -6.11 0.03 39.30
CA ILE A 104 -4.74 -0.40 39.08
C ILE A 104 -4.49 -0.70 37.59
N CYS A 105 -3.56 0.03 36.99
CA CYS A 105 -3.10 -0.22 35.64
C CYS A 105 -1.66 -0.77 35.61
N ALA A 106 -1.42 -1.73 34.74
CA ALA A 106 -0.11 -2.12 34.38
C ALA A 106 0.23 -1.59 33.02
N VAL A 107 1.38 -0.93 32.90
CA VAL A 107 1.97 -0.57 31.61
C VAL A 107 3.19 -1.47 31.44
N VAL A 108 3.16 -2.33 30.40
CA VAL A 108 4.18 -3.28 30.18
C VAL A 108 5.03 -2.87 28.99
N GLY A 109 6.26 -2.41 29.30
CA GLY A 109 7.30 -2.25 28.31
C GLY A 109 7.86 -3.61 27.89
N ASN A 110 8.81 -3.59 26.98
CA ASN A 110 9.31 -4.79 26.34
C ASN A 110 10.75 -5.26 26.78
N SER A 111 11.29 -4.69 27.84
CA SER A 111 12.60 -5.10 28.34
C SER A 111 12.78 -6.59 28.64
N GLY A 112 14.00 -7.06 28.39
CA GLY A 112 14.38 -8.44 28.79
C GLY A 112 14.38 -8.72 30.27
N ILE A 113 14.37 -7.67 31.09
CA ILE A 113 14.19 -7.83 32.52
C ILE A 113 12.97 -8.63 32.91
N LEU A 114 11.93 -8.60 32.07
CA LEU A 114 10.76 -9.43 32.40
C LEU A 114 11.02 -10.95 32.32
N THR A 115 12.00 -11.38 31.52
CA THR A 115 12.22 -12.81 31.28
C THR A 115 12.61 -13.50 32.59
N GLY A 116 11.84 -14.51 32.95
CA GLY A 116 11.99 -15.19 34.24
C GLY A 116 11.48 -14.49 35.49
N SER A 117 10.81 -13.34 35.34
CA SER A 117 10.31 -12.57 36.48
C SER A 117 9.09 -13.18 37.13
N GLN A 118 8.39 -14.05 36.39
CA GLN A 118 7.10 -14.62 36.87
C GLN A 118 6.06 -13.55 37.26
N CYS A 119 6.14 -12.39 36.60
CA CYS A 119 5.22 -11.29 36.86
C CYS A 119 3.87 -11.40 36.20
N GLY A 120 3.60 -12.50 35.50
CA GLY A 120 2.38 -12.67 34.70
C GLY A 120 1.14 -12.51 35.53
N GLN A 121 1.12 -13.21 36.65
CA GLN A 121 -0.07 -13.26 37.47
C GLN A 121 -0.35 -11.89 38.07
N GLU A 122 0.71 -11.24 38.54
CA GLU A 122 0.57 -9.93 39.18
C GLU A 122 0.13 -8.87 38.13
N ILE A 123 0.70 -8.93 36.91
CA ILE A 123 0.27 -8.02 35.80
C ILE A 123 -1.20 -8.24 35.49
N ASP A 124 -1.63 -9.49 35.43
CA ASP A 124 -2.99 -9.84 35.06
C ASP A 124 -4.04 -9.51 36.13
N LYS A 125 -3.59 -9.30 37.37
CA LYS A 125 -4.51 -8.81 38.42
C LYS A 125 -4.89 -7.39 38.26
N SER A 126 -4.11 -6.64 37.50
CA SER A 126 -4.45 -5.24 37.24
C SER A 126 -5.86 -5.10 36.65
N ASP A 127 -6.47 -3.96 36.87
CA ASP A 127 -7.72 -3.68 36.20
C ASP A 127 -7.57 -3.49 34.68
N PHE A 128 -6.44 -2.97 34.26
CA PHE A 128 -6.24 -2.63 32.86
C PHE A 128 -4.79 -2.80 32.53
N VAL A 129 -4.48 -3.47 31.44
CA VAL A 129 -3.11 -3.63 31.02
C VAL A 129 -2.86 -3.01 29.64
N PHE A 130 -1.85 -2.13 29.56
CA PHE A 130 -1.33 -1.60 28.36
C PHE A 130 -0.06 -2.41 27.94
N ARG A 131 0.02 -2.76 26.63
CA ARG A 131 1.18 -3.34 26.00
C ARG A 131 1.61 -2.51 24.79
N CYS A 132 2.89 -2.69 24.43
CA CYS A 132 3.55 -1.90 23.40
C CYS A 132 3.93 -2.69 22.15
N ASN A 133 3.61 -2.12 21.00
CA ASN A 133 3.96 -2.68 19.70
C ASN A 133 3.55 -4.12 19.46
N PHE A 134 2.32 -4.46 19.81
CA PHE A 134 1.75 -5.73 19.50
C PHE A 134 2.66 -6.85 20.04
N ALA A 135 3.34 -6.59 21.14
CA ALA A 135 4.24 -7.55 21.79
C ALA A 135 3.58 -8.91 22.01
N PRO A 136 4.35 -9.99 21.81
CA PRO A 136 3.80 -11.36 22.02
C PRO A 136 3.62 -11.69 23.45
N THR A 137 2.56 -12.42 23.72
CA THR A 137 2.30 -12.95 25.04
C THR A 137 2.26 -14.50 25.12
N GLU A 138 2.00 -15.20 24.02
CA GLU A 138 1.72 -16.68 24.03
C GLU A 138 2.81 -17.57 24.75
N ALA A 139 4.03 -17.48 24.27
CA ALA A 139 5.13 -18.23 24.83
C ALA A 139 5.65 -17.59 26.15
N PHE A 140 5.07 -16.46 26.57
CA PHE A 140 5.65 -15.67 27.68
C PHE A 140 4.69 -15.32 28.82
N GLN A 141 3.47 -15.85 28.83
CA GLN A 141 2.42 -15.45 29.77
C GLN A 141 2.85 -15.50 31.26
N ARG A 142 3.65 -16.49 31.65
CA ARG A 142 4.10 -16.62 33.03
C ARG A 142 4.83 -15.34 33.50
N ASP A 143 5.62 -14.77 32.60
CA ASP A 143 6.41 -13.62 32.85
C ASP A 143 5.70 -12.31 32.55
N VAL A 144 4.91 -12.23 31.48
CA VAL A 144 4.30 -10.95 31.07
C VAL A 144 2.78 -10.85 31.14
N GLY A 145 2.11 -11.97 31.42
CA GLY A 145 0.63 -12.02 31.47
C GLY A 145 0.01 -12.36 30.12
N ARG A 146 -1.27 -12.58 30.16
CA ARG A 146 -2.10 -12.84 29.03
C ARG A 146 -3.18 -11.72 28.91
N LYS A 147 -3.35 -10.89 29.92
CA LYS A 147 -4.32 -9.81 29.89
C LYS A 147 -3.83 -8.67 29.04
N THR A 148 -4.68 -8.22 28.15
CA THR A 148 -4.43 -7.08 27.30
C THR A 148 -5.71 -6.26 27.15
N ASN A 149 -5.71 -5.01 27.59
CA ASN A 149 -6.80 -4.05 27.36
C ASN A 149 -6.48 -2.97 26.37
N LEU A 150 -5.19 -2.75 26.11
CA LEU A 150 -4.78 -1.94 24.98
C LEU A 150 -3.43 -2.45 24.52
N THR A 151 -3.24 -2.49 23.20
CA THR A 151 -1.89 -2.65 22.66
C THR A 151 -1.65 -1.71 21.49
N THR A 152 -0.43 -1.20 21.35
CA THR A 152 -0.15 -0.27 20.24
C THR A 152 0.21 -1.04 19.00
N PHE A 153 0.01 -0.41 17.87
CA PHE A 153 0.10 -1.06 16.58
C PHE A 153 0.52 -0.05 15.49
N ASN A 154 1.81 0.01 15.24
CA ASN A 154 2.29 0.75 14.09
C ASN A 154 1.87 -0.03 12.83
N PRO A 155 1.24 0.63 11.83
CA PRO A 155 0.75 -0.15 10.70
C PRO A 155 1.78 -0.92 9.89
N SER A 156 3.04 -0.55 9.99
CA SER A 156 4.09 -1.24 9.30
C SER A 156 4.34 -2.65 9.87
N ILE A 157 3.73 -2.99 10.99
CA ILE A 157 3.57 -4.42 11.39
C ILE A 157 3.01 -5.29 10.27
N LEU A 158 2.04 -4.79 9.52
CA LEU A 158 1.49 -5.59 8.43
C LEU A 158 2.56 -5.98 7.42
N GLU A 159 3.49 -5.07 7.17
CA GLU A 159 4.53 -5.32 6.19
C GLU A 159 5.54 -6.31 6.76
N LYS A 160 5.95 -6.10 7.99
CA LYS A 160 6.97 -6.93 8.58
C LYS A 160 6.52 -8.36 8.96
N TYR A 161 5.33 -8.51 9.53
CA TYR A 161 4.91 -9.79 10.07
C TYR A 161 3.75 -10.42 9.36
N TYR A 162 3.04 -9.70 8.50
CA TYR A 162 1.84 -10.31 7.85
C TYR A 162 1.85 -10.20 6.33
N ASN A 163 3.04 -9.96 5.79
CA ASN A 163 3.27 -9.95 4.34
C ASN A 163 2.25 -9.05 3.57
N ASN A 164 1.93 -7.89 4.15
CA ASN A 164 1.00 -6.93 3.55
C ASN A 164 -0.37 -7.49 3.26
N LEU A 165 -0.78 -8.52 4.01
CA LEU A 165 -2.07 -9.14 3.76
C LEU A 165 -2.32 -9.56 2.31
N LEU A 166 -1.25 -10.00 1.64
CA LEU A 166 -1.31 -10.47 0.26
C LEU A 166 -1.96 -11.83 0.04
N THR A 167 -1.85 -12.76 0.96
CA THR A 167 -2.40 -14.11 0.74
C THR A 167 -3.48 -14.39 1.68
N ILE A 168 -4.28 -15.39 1.35
CA ILE A 168 -5.28 -15.92 2.27
C ILE A 168 -4.70 -16.27 3.67
N GLN A 169 -3.50 -16.84 3.72
CA GLN A 169 -2.97 -17.28 5.01
C GLN A 169 -2.55 -16.06 5.85
N ASP A 170 -1.94 -15.07 5.21
CA ASP A 170 -1.62 -13.80 5.87
C ASP A 170 -2.83 -13.14 6.46
N ARG A 171 -3.86 -13.01 5.64
CA ARG A 171 -5.15 -12.46 6.09
C ARG A 171 -5.74 -13.24 7.27
N ASN A 172 -5.69 -14.55 7.16
CA ASN A 172 -6.19 -15.40 8.24
C ASN A 172 -5.33 -15.27 9.51
N ASN A 173 -4.02 -15.25 9.38
CA ASN A 173 -3.16 -15.03 10.57
C ASN A 173 -3.45 -13.68 11.25
N PHE A 174 -3.65 -12.63 10.46
CA PHE A 174 -3.92 -11.35 11.07
C PHE A 174 -5.27 -11.36 11.75
N PHE A 175 -6.26 -11.90 11.06
CA PHE A 175 -7.62 -11.99 11.63
C PHE A 175 -7.61 -12.70 12.98
N LEU A 176 -6.87 -13.80 13.07
CA LEU A 176 -6.79 -14.55 14.32
C LEU A 176 -6.11 -13.76 15.45
N SER A 177 -5.05 -13.03 15.10
CA SER A 177 -4.36 -12.17 16.07
C SER A 177 -5.31 -11.11 16.55
N LEU A 178 -6.16 -10.57 15.68
CA LEU A 178 -7.15 -9.61 16.11
C LEU A 178 -8.21 -10.22 17.01
N LYS A 179 -8.67 -11.40 16.63
CA LYS A 179 -9.72 -12.09 17.40
C LYS A 179 -9.26 -12.35 18.85
N LYS A 180 -8.00 -12.76 19.02
CA LYS A 180 -7.41 -12.97 20.32
C LYS A 180 -7.44 -11.74 21.24
N LEU A 181 -7.53 -10.53 20.69
CA LEU A 181 -7.63 -9.34 21.51
C LEU A 181 -8.99 -9.14 22.11
N ASP A 182 -10.01 -9.87 21.65
CA ASP A 182 -11.37 -9.71 22.14
C ASP A 182 -11.77 -8.24 22.03
N GLY A 183 -12.22 -7.61 23.13
CA GLY A 183 -12.69 -6.22 23.14
C GLY A 183 -11.62 -5.21 23.50
N ALA A 184 -10.34 -5.60 23.49
CA ALA A 184 -9.25 -4.66 23.75
C ALA A 184 -9.17 -3.53 22.69
N ILE A 185 -8.52 -2.43 23.09
CA ILE A 185 -8.26 -1.32 22.18
C ILE A 185 -6.97 -1.59 21.39
N LEU A 186 -7.05 -1.45 20.07
CA LEU A 186 -5.88 -1.51 19.26
C LEU A 186 -5.55 -0.08 18.87
N TRP A 187 -4.40 0.42 19.40
CA TRP A 187 -4.10 1.87 19.37
C TRP A 187 -3.08 2.07 18.25
N ILE A 188 -3.58 2.60 17.13
CA ILE A 188 -2.92 2.58 15.87
C ILE A 188 -2.46 3.99 15.51
N PRO A 189 -1.17 4.27 15.66
CA PRO A 189 -0.72 5.61 15.29
C PRO A 189 -0.25 5.66 13.86
N ALA A 190 -1.13 6.04 12.98
CA ALA A 190 -0.81 6.03 11.58
C ALA A 190 -0.20 7.36 11.09
N PHE A 191 -0.02 8.35 11.97
CA PHE A 191 0.44 9.65 11.51
C PHE A 191 1.71 10.10 12.24
N PHE A 192 2.53 9.13 12.64
CA PHE A 192 3.83 9.44 13.26
C PHE A 192 4.93 9.33 12.17
N PHE A 193 4.93 8.25 11.38
CA PHE A 193 5.96 7.98 10.41
C PHE A 193 5.38 7.83 9.02
N HIS A 194 5.91 8.56 8.04
CA HIS A 194 5.40 8.52 6.65
C HIS A 194 5.48 7.15 6.00
N THR A 195 6.36 6.29 6.50
CA THR A 195 6.45 4.92 6.07
C THR A 195 5.16 4.12 6.36
N SER A 196 4.26 4.65 7.19
CA SER A 196 2.96 4.06 7.42
C SER A 196 1.98 4.21 6.25
N ALA A 197 2.27 5.07 5.30
CA ALA A 197 1.19 5.58 4.41
C ALA A 197 0.49 4.51 3.56
N THR A 198 1.28 3.70 2.84
CA THR A 198 0.68 2.75 1.91
C THR A 198 0.07 1.58 2.67
N VAL A 199 0.78 1.13 3.72
CA VAL A 199 0.32 0.03 4.55
C VAL A 199 -0.95 0.40 5.37
N THR A 200 -1.11 1.68 5.69
CA THR A 200 -2.38 2.14 6.30
C THR A 200 -3.59 1.86 5.39
N ARG A 201 -3.47 2.01 4.07
CA ARG A 201 -4.58 1.72 3.18
C ARG A 201 -4.93 0.23 3.22
N THR A 202 -3.92 -0.61 3.29
CA THR A 202 -4.15 -2.05 3.37
C THR A 202 -4.88 -2.41 4.68
N LEU A 203 -4.42 -1.81 5.76
CA LEU A 203 -5.05 -1.98 7.08
C LEU A 203 -6.49 -1.55 7.10
N VAL A 204 -6.72 -0.31 6.61
CA VAL A 204 -8.05 0.23 6.50
C VAL A 204 -8.95 -0.70 5.65
N ASP A 205 -8.49 -1.10 4.49
CA ASP A 205 -9.31 -2.00 3.68
C ASP A 205 -9.69 -3.29 4.42
N PHE A 206 -8.74 -3.84 5.18
CA PHE A 206 -9.01 -5.08 5.92
C PHE A 206 -10.07 -4.88 6.96
N PHE A 207 -9.97 -3.79 7.69
CA PHE A 207 -10.94 -3.53 8.71
C PHE A 207 -12.31 -3.23 8.11
N VAL A 208 -12.36 -2.48 7.01
CA VAL A 208 -13.67 -2.22 6.36
C VAL A 208 -14.28 -3.54 5.86
N GLU A 209 -13.46 -4.34 5.19
CA GLU A 209 -13.91 -5.66 4.66
C GLU A 209 -14.46 -6.54 5.79
N HIS A 210 -13.87 -6.46 6.99
CA HIS A 210 -14.31 -7.29 8.15
C HIS A 210 -15.14 -6.62 9.18
N ARG A 211 -15.77 -5.49 8.84
CA ARG A 211 -16.55 -4.70 9.79
C ARG A 211 -17.54 -5.55 10.59
N GLY A 212 -17.58 -5.37 11.90
CA GLY A 212 -18.48 -6.15 12.75
C GLY A 212 -18.09 -7.58 13.08
N GLN A 213 -17.13 -8.16 12.36
CA GLN A 213 -16.71 -9.50 12.67
C GLN A 213 -15.82 -9.62 13.93
N LEU A 214 -15.27 -8.51 14.42
CA LEU A 214 -14.32 -8.56 15.54
C LEU A 214 -14.80 -7.58 16.57
N LYS A 215 -14.49 -7.88 17.83
CA LYS A 215 -14.84 -7.00 18.96
C LYS A 215 -13.79 -5.92 19.27
N VAL A 216 -12.67 -5.97 18.58
CA VAL A 216 -11.55 -5.07 18.82
C VAL A 216 -12.03 -3.62 18.65
N GLN A 217 -11.72 -2.76 19.60
CA GLN A 217 -11.99 -1.34 19.51
C GLN A 217 -10.81 -0.66 18.86
N LEU A 218 -11.03 0.00 17.72
CA LEU A 218 -9.96 0.71 17.03
C LEU A 218 -9.80 2.10 17.57
N ALA A 219 -8.55 2.55 17.74
CA ALA A 219 -8.28 3.93 18.11
C ALA A 219 -7.16 4.45 17.25
N TRP A 220 -7.27 5.69 16.80
CA TRP A 220 -6.40 6.22 15.82
C TRP A 220 -5.92 7.59 16.23
N PRO A 221 -4.84 7.67 17.00
CA PRO A 221 -4.35 8.98 17.37
C PRO A 221 -3.86 9.78 16.21
N GLY A 222 -4.03 11.09 16.26
CA GLY A 222 -3.54 11.97 15.23
C GLY A 222 -2.18 12.56 15.60
N ASN A 223 -1.99 13.83 15.29
CA ASN A 223 -0.72 14.49 15.45
C ASN A 223 -0.62 14.96 16.90
N ILE A 224 -0.25 14.06 17.79
CA ILE A 224 -0.32 14.38 19.19
C ILE A 224 1.03 14.56 19.81
N MET A 225 2.12 14.19 19.13
CA MET A 225 3.43 14.25 19.83
C MET A 225 3.88 15.68 20.20
N GLN A 226 3.52 16.68 19.41
CA GLN A 226 3.80 18.06 19.81
C GLN A 226 3.20 18.38 21.22
N HIS A 227 2.02 17.83 21.52
CA HIS A 227 1.36 18.11 22.81
C HIS A 227 1.92 17.28 23.93
N VAL A 228 2.14 16.01 23.66
CA VAL A 228 2.76 15.15 24.63
C VAL A 228 4.19 15.64 24.97
N ASN A 229 4.99 16.00 23.97
CA ASN A 229 6.36 16.47 24.24
C ASN A 229 6.40 17.68 25.21
N ARG A 230 5.38 18.54 25.19
CA ARG A 230 5.40 19.69 26.07
C ARG A 230 5.43 19.33 27.52
N TYR A 231 4.67 18.33 27.95
CA TYR A 231 4.77 17.98 29.35
C TYR A 231 6.18 17.52 29.64
N TRP A 232 6.74 16.65 28.82
CA TRP A 232 8.00 16.03 29.21
C TRP A 232 9.24 16.96 29.02
N LYS A 233 9.20 17.95 28.13
CA LYS A 233 10.23 19.04 28.02
C LYS A 233 10.43 19.73 29.38
N ASN A 234 9.33 20.11 30.05
CA ASN A 234 9.38 20.68 31.43
C ASN A 234 10.09 19.83 32.47
N LYS A 235 10.10 18.51 32.25
CA LYS A 235 10.83 17.56 33.11
C LYS A 235 12.22 17.26 32.55
N HIS A 236 12.78 18.16 31.74
CA HIS A 236 14.19 18.08 31.33
C HIS A 236 14.50 16.78 30.55
N LEU A 237 13.58 16.46 29.67
CA LEU A 237 13.64 15.26 28.84
C LEU A 237 13.26 15.72 27.44
N SER A 238 14.25 15.83 26.55
CA SER A 238 13.99 16.29 25.16
C SER A 238 14.67 15.45 24.07
N PRO A 239 14.30 14.15 23.97
CA PRO A 239 14.69 13.36 22.79
C PRO A 239 14.08 13.88 21.51
N LYS A 240 14.69 13.52 20.40
CA LYS A 240 14.00 13.68 19.12
C LYS A 240 12.65 12.91 19.23
N ARG A 241 12.65 11.71 19.88
CA ARG A 241 11.42 10.90 20.07
C ARG A 241 11.26 10.28 21.46
N LEU A 242 10.14 10.58 22.11
CA LEU A 242 9.76 9.88 23.30
C LEU A 242 9.40 8.41 22.94
N SER A 243 9.62 7.50 23.86
CA SER A 243 9.35 6.07 23.57
C SER A 243 7.84 5.76 23.71
N THR A 244 7.43 4.66 23.09
CA THR A 244 6.07 4.22 23.20
C THR A 244 5.74 4.01 24.66
N GLY A 245 6.67 3.49 25.44
CA GLY A 245 6.38 3.25 26.84
C GLY A 245 5.96 4.47 27.62
N ILE A 246 6.68 5.53 27.40
CA ILE A 246 6.40 6.75 28.16
C ILE A 246 5.12 7.45 27.61
N LEU A 247 4.84 7.24 26.33
CA LEU A 247 3.59 7.68 25.73
C LEU A 247 2.42 6.95 26.40
N MET A 248 2.57 5.65 26.63
CA MET A 248 1.54 4.91 27.32
C MET A 248 1.33 5.42 28.77
N TYR A 249 2.42 5.72 29.46
CA TYR A 249 2.31 6.23 30.86
C TYR A 249 1.48 7.51 30.81
N THR A 250 1.77 8.37 29.83
CA THR A 250 1.10 9.63 29.68
C THR A 250 -0.42 9.46 29.53
N LEU A 251 -0.82 8.57 28.62
CA LEU A 251 -2.23 8.25 28.47
C LEU A 251 -2.84 7.68 29.74
N ALA A 252 -2.18 6.67 30.25
CA ALA A 252 -2.60 5.98 31.44
C ALA A 252 -2.84 6.94 32.64
N SER A 253 -2.04 7.99 32.74
CA SER A 253 -2.15 8.93 33.84
C SER A 253 -3.57 9.49 33.93
N ALA A 254 -4.24 9.65 32.82
CA ALA A 254 -5.56 10.28 32.84
C ALA A 254 -6.68 9.31 33.28
N ILE A 255 -6.50 8.00 33.11
CA ILE A 255 -7.56 7.07 33.33
C ILE A 255 -7.29 6.05 34.40
N CYS A 256 -6.09 6.01 34.93
CA CYS A 256 -5.74 5.03 35.93
C CYS A 256 -5.60 5.75 37.25
N GLU A 257 -6.05 5.17 38.36
CA GLU A 257 -5.79 5.74 39.69
C GLU A 257 -4.35 5.44 40.20
N GLU A 258 -3.79 4.28 39.79
CA GLU A 258 -2.45 3.85 40.19
C GLU A 258 -1.81 3.01 39.07
N ILE A 259 -0.57 3.35 38.69
CA ILE A 259 0.11 2.76 37.53
C ILE A 259 1.34 2.02 38.02
N HIS A 260 1.44 0.77 37.64
CA HIS A 260 2.59 -0.09 37.92
C HIS A 260 3.24 -0.44 36.62
N LEU A 261 4.53 -0.16 36.55
CA LEU A 261 5.33 -0.30 35.37
C LEU A 261 6.11 -1.60 35.41
N TYR A 262 6.14 -2.29 34.27
CA TYR A 262 6.89 -3.53 34.12
C TYR A 262 7.62 -3.46 32.84
N GLY A 263 8.77 -4.14 32.76
CA GLY A 263 9.49 -4.16 31.51
C GLY A 263 10.03 -2.84 31.04
N PHE A 264 10.27 -1.91 31.98
CA PHE A 264 11.04 -0.68 31.69
C PHE A 264 12.45 -0.80 32.31
N TRP A 265 13.45 -0.95 31.47
CA TRP A 265 14.86 -1.26 31.90
C TRP A 265 15.69 -1.36 30.64
N PRO A 266 16.19 -0.21 30.17
CA PRO A 266 16.81 -0.16 28.86
C PRO A 266 18.33 -0.50 28.91
N PHE A 267 18.71 -1.51 29.68
CA PHE A 267 20.11 -1.88 29.88
C PHE A 267 20.32 -3.35 29.63
N GLY A 268 21.59 -3.73 29.39
CA GLY A 268 22.00 -5.09 29.00
C GLY A 268 22.29 -6.08 30.12
N PHE A 269 22.02 -5.68 31.37
CA PHE A 269 22.35 -6.51 32.52
C PHE A 269 21.26 -6.45 33.53
N ASP A 270 21.11 -7.49 34.29
CA ASP A 270 20.16 -7.53 35.37
C ASP A 270 20.63 -6.71 36.57
N PRO A 271 19.76 -5.87 37.15
CA PRO A 271 20.25 -4.99 38.21
C PRO A 271 20.64 -5.76 39.48
N ASN A 272 19.97 -6.86 39.74
CA ASN A 272 20.13 -7.65 40.92
C ASN A 272 21.28 -8.67 40.75
N THR A 273 21.23 -9.50 39.71
CA THR A 273 22.22 -10.55 39.48
C THR A 273 23.50 -10.07 38.78
N ARG A 274 23.40 -8.99 38.02
CA ARG A 274 24.40 -8.55 37.06
C ARG A 274 24.59 -9.34 35.79
N GLU A 275 23.84 -10.41 35.60
CA GLU A 275 23.96 -11.28 34.40
C GLU A 275 23.54 -10.48 33.17
N ASP A 276 24.06 -10.88 32.01
CA ASP A 276 23.62 -10.38 30.71
C ASP A 276 22.11 -10.53 30.54
N LEU A 277 21.51 -9.54 29.90
CA LEU A 277 20.11 -9.54 29.63
C LEU A 277 19.85 -9.11 28.22
N PRO A 278 18.91 -9.78 27.53
CA PRO A 278 18.47 -9.25 26.23
C PRO A 278 17.69 -7.91 26.35
N TYR A 279 17.73 -7.15 25.28
CA TYR A 279 16.98 -5.97 25.09
C TYR A 279 15.48 -6.19 25.22
N HIS A 280 14.97 -7.27 24.65
CA HIS A 280 13.56 -7.60 24.67
C HIS A 280 13.32 -8.91 25.39
N TYR A 281 12.23 -9.02 26.12
CA TYR A 281 11.87 -10.30 26.74
C TYR A 281 11.53 -11.43 25.80
N TYR A 282 11.22 -11.11 24.54
CA TYR A 282 10.83 -12.14 23.61
C TYR A 282 12.04 -12.54 22.77
N ASP A 283 13.20 -11.97 23.04
CA ASP A 283 14.44 -12.34 22.28
C ASP A 283 14.87 -13.75 22.65
N LYS A 284 15.43 -14.46 21.70
CA LYS A 284 16.00 -15.80 22.01
C LYS A 284 17.08 -15.71 23.10
N LYS A 285 17.23 -16.80 23.87
CA LYS A 285 18.13 -16.84 25.05
C LYS A 285 19.55 -16.72 24.54
N GLY A 286 20.38 -15.96 25.25
CA GLY A 286 21.70 -15.61 24.73
C GLY A 286 21.79 -14.49 23.68
N THR A 287 20.67 -14.00 23.15
CA THR A 287 20.72 -12.82 22.24
C THR A 287 21.40 -11.64 22.93
N LYS A 288 22.35 -11.02 22.24
CA LYS A 288 23.19 -9.97 22.83
C LYS A 288 22.47 -8.64 22.80
N PHE A 289 22.40 -7.98 23.96
CA PHE A 289 21.90 -6.61 24.05
C PHE A 289 22.56 -5.70 23.01
N THR A 290 21.72 -5.10 22.18
CA THR A 290 22.11 -4.26 21.04
C THR A 290 22.25 -2.83 21.55
N THR A 291 23.39 -2.24 21.23
CA THR A 291 23.69 -0.88 21.70
C THR A 291 22.98 0.16 20.79
N LYS A 292 23.20 0.03 19.47
CA LYS A 292 22.67 1.01 18.49
C LYS A 292 21.22 0.73 18.04
N TRP A 293 20.51 -0.18 18.72
CA TRP A 293 19.09 -0.45 18.45
C TRP A 293 18.26 0.80 18.80
N GLN A 294 18.69 1.47 19.87
CA GLN A 294 17.97 2.55 20.52
C GLN A 294 18.65 3.94 20.41
N GLU A 295 19.35 4.19 19.30
CA GLU A 295 20.06 5.46 19.08
C GLU A 295 19.09 6.64 18.82
N SER A 296 17.87 6.38 18.36
CA SER A 296 16.86 7.44 18.09
C SER A 296 16.05 7.84 19.33
N HIS A 297 16.10 6.97 20.33
CA HIS A 297 15.42 7.16 21.59
C HIS A 297 16.46 7.66 22.64
N GLN A 298 16.01 7.98 23.84
CA GLN A 298 16.87 8.38 24.96
C GLN A 298 16.27 7.60 26.14
N LEU A 299 16.24 6.28 25.98
CA LEU A 299 15.64 5.43 26.98
C LEU A 299 16.30 5.57 28.34
N PRO A 300 17.65 5.71 28.38
CA PRO A 300 18.26 5.88 29.68
C PRO A 300 17.76 7.10 30.42
N ALA A 301 17.56 8.21 29.70
CA ALA A 301 17.05 9.44 30.33
C ALA A 301 15.56 9.27 30.78
N GLU A 302 14.77 8.64 29.94
CA GLU A 302 13.40 8.24 30.34
C GLU A 302 13.44 7.43 31.61
N PHE A 303 14.26 6.41 31.59
CA PHE A 303 14.29 5.51 32.71
C PHE A 303 14.68 6.27 33.98
N GLN A 304 15.67 7.15 33.87
CA GLN A 304 16.10 7.95 35.05
C GLN A 304 14.96 8.74 35.60
N LEU A 305 14.22 9.38 34.71
CA LEU A 305 13.05 10.12 35.15
C LEU A 305 11.94 9.25 35.79
N LEU A 306 11.60 8.10 35.20
CA LEU A 306 10.66 7.15 35.83
C LEU A 306 11.16 6.63 37.18
N TYR A 307 12.45 6.47 37.28
CA TYR A 307 13.03 5.98 38.49
C TYR A 307 12.90 7.01 39.60
N ARG A 308 13.18 8.26 39.32
CA ARG A 308 12.89 9.35 40.27
C ARG A 308 11.41 9.32 40.70
N MET A 309 10.51 9.17 39.71
CA MET A 309 9.08 9.11 39.97
C MET A 309 8.71 7.98 40.86
N HIS A 310 9.37 6.85 40.67
CA HIS A 310 9.21 5.72 41.55
C HIS A 310 9.56 6.12 42.98
N GLY A 311 10.69 6.82 43.13
CA GLY A 311 11.17 7.23 44.47
C GLY A 311 10.22 8.18 45.14
N GLU A 312 9.59 9.05 44.36
CA GLU A 312 8.59 9.99 44.89
C GLU A 312 7.16 9.35 45.12
N GLY A 313 7.03 8.04 44.93
CA GLY A 313 5.74 7.35 45.02
C GLY A 313 4.72 7.62 43.90
N LEU A 314 5.13 8.22 42.79
CA LEU A 314 4.16 8.51 41.72
C LEU A 314 3.65 7.24 40.98
N THR A 315 4.51 6.22 40.86
CA THR A 315 4.31 5.03 40.13
C THR A 315 5.29 4.01 40.65
N LYS A 316 4.93 2.73 40.51
CA LYS A 316 5.78 1.61 40.91
C LYS A 316 6.50 0.98 39.73
N LEU A 317 7.79 1.23 39.66
CA LEU A 317 8.70 0.62 38.73
C LEU A 317 9.18 -0.76 39.24
N THR A 318 8.76 -1.86 38.59
CA THR A 318 9.14 -3.20 38.95
C THR A 318 10.41 -3.65 38.20
N LEU A 319 11.43 -4.03 38.99
CA LEU A 319 12.77 -4.34 38.49
C LEU A 319 13.26 -5.70 38.96
N SER A 320 12.40 -6.50 39.54
CA SER A 320 12.81 -7.78 40.05
C SER A 320 11.70 -8.79 39.83
N HIS A 321 11.96 -10.03 40.23
CA HIS A 321 10.98 -11.10 40.15
C HIS A 321 9.77 -10.79 41.01
N CYS A 322 8.59 -11.13 40.54
CA CYS A 322 7.32 -10.98 41.32
C CYS A 322 7.00 -12.20 42.18
N ALA A 323 6.11 -12.04 43.16
CA ALA A 323 5.54 -13.20 43.99
C ALA A 323 4.12 -13.69 43.58
N LYS B 32 3.16 -0.42 -51.11
CA LYS B 32 3.50 -1.89 -51.31
C LYS B 32 2.65 -2.83 -50.45
N TRP B 33 2.48 -2.52 -49.14
CA TRP B 33 1.61 -3.33 -48.28
C TRP B 33 0.16 -3.05 -48.70
N LYS B 34 -0.63 -4.13 -48.78
CA LYS B 34 -2.02 -4.05 -49.13
C LYS B 34 -2.86 -4.85 -48.10
N PHE B 35 -3.81 -4.15 -47.51
CA PHE B 35 -4.76 -4.74 -46.60
C PHE B 35 -5.56 -5.84 -47.29
N ASN B 36 -5.64 -7.01 -46.68
CA ASN B 36 -6.59 -8.05 -47.04
C ASN B 36 -7.76 -8.03 -46.00
N ARG B 37 -8.78 -7.23 -46.32
CA ARG B 37 -9.99 -7.07 -45.47
C ARG B 37 -10.65 -8.39 -45.15
N THR B 38 -10.74 -9.25 -46.15
CA THR B 38 -11.37 -10.54 -45.98
C THR B 38 -10.70 -11.41 -44.96
N ALA B 39 -9.38 -11.47 -45.07
CA ALA B 39 -8.64 -12.31 -44.15
C ALA B 39 -8.73 -11.63 -42.76
N PHE B 40 -8.67 -10.30 -42.69
CA PHE B 40 -8.71 -9.66 -41.37
C PHE B 40 -10.04 -9.98 -40.68
N LEU B 41 -11.15 -9.86 -41.42
CA LEU B 41 -12.50 -10.17 -40.90
C LEU B 41 -12.65 -11.58 -40.45
N HIS B 42 -11.99 -12.50 -41.15
CA HIS B 42 -11.93 -13.88 -40.68
C HIS B 42 -11.13 -13.96 -39.35
N GLN B 43 -10.02 -13.23 -39.23
CA GLN B 43 -9.27 -13.19 -37.97
C GLN B 43 -10.18 -12.63 -36.83
N ARG B 44 -10.83 -11.50 -37.09
CA ARG B 44 -11.76 -10.91 -36.09
C ARG B 44 -12.74 -11.94 -35.56
N GLN B 45 -13.34 -12.69 -36.49
CA GLN B 45 -14.38 -13.66 -36.16
C GLN B 45 -13.79 -14.80 -35.33
N GLU B 46 -12.60 -15.23 -35.68
CA GLU B 46 -11.91 -16.24 -34.90
C GLU B 46 -11.58 -15.76 -33.51
N ILE B 47 -11.06 -14.53 -33.38
CA ILE B 47 -10.74 -14.00 -32.06
C ILE B 47 -12.02 -13.95 -31.24
N LEU B 48 -13.12 -13.45 -31.83
CA LEU B 48 -14.41 -13.39 -31.09
C LEU B 48 -14.95 -14.72 -30.64
N GLN B 49 -14.63 -15.80 -31.34
CA GLN B 49 -15.07 -17.14 -30.94
C GLN B 49 -14.29 -17.68 -29.76
N HIS B 50 -13.10 -17.17 -29.51
CA HIS B 50 -12.35 -17.57 -28.32
C HIS B 50 -12.39 -16.56 -27.15
N VAL B 51 -12.56 -15.27 -27.46
CA VAL B 51 -12.59 -14.23 -26.45
C VAL B 51 -13.81 -13.33 -26.65
N ASP B 52 -14.59 -13.17 -25.63
CA ASP B 52 -15.60 -12.12 -25.62
C ASP B 52 -14.90 -10.79 -25.27
N VAL B 53 -14.45 -10.08 -26.28
CA VAL B 53 -13.61 -8.91 -26.10
C VAL B 53 -14.33 -7.76 -25.39
N ILE B 54 -15.57 -7.56 -25.77
CA ILE B 54 -16.40 -6.50 -25.18
C ILE B 54 -16.52 -6.70 -23.69
N LYS B 55 -16.80 -7.93 -23.27
CA LYS B 55 -16.95 -8.21 -21.84
C LYS B 55 -15.58 -8.19 -21.13
N ASN B 56 -14.63 -8.94 -21.67
CA ASN B 56 -13.27 -9.02 -21.13
C ASN B 56 -12.56 -7.64 -21.01
N PHE B 57 -12.94 -6.68 -21.83
CA PHE B 57 -12.33 -5.36 -21.79
C PHE B 57 -12.27 -4.76 -20.37
N SER B 58 -13.33 -4.95 -19.59
CA SER B 58 -13.40 -4.34 -18.27
C SER B 58 -14.39 -5.10 -17.43
N LEU B 59 -14.06 -5.28 -16.15
CA LEU B 59 -15.08 -5.55 -15.16
C LEU B 59 -16.05 -4.36 -15.11
N THR B 60 -17.29 -4.64 -14.75
CA THR B 60 -18.31 -3.59 -14.59
C THR B 60 -18.80 -3.64 -13.18
N LYS B 61 -19.55 -2.65 -12.76
CA LYS B 61 -20.02 -2.59 -11.36
C LYS B 61 -20.76 -3.83 -10.97
N ASN B 62 -21.68 -4.22 -11.83
CA ASN B 62 -22.51 -5.39 -11.50
C ASN B 62 -21.84 -6.72 -11.74
N SER B 63 -20.60 -6.78 -12.19
CA SER B 63 -19.98 -8.08 -12.40
C SER B 63 -19.10 -8.51 -11.21
N VAL B 64 -19.01 -7.65 -10.20
CA VAL B 64 -18.31 -8.00 -8.98
C VAL B 64 -19.23 -7.72 -7.79
N ARG B 65 -18.97 -8.41 -6.71
CA ARG B 65 -19.59 -8.13 -5.42
C ARG B 65 -18.54 -7.54 -4.48
N ILE B 66 -19.00 -6.70 -3.57
CA ILE B 66 -18.17 -6.15 -2.52
C ILE B 66 -17.78 -7.31 -1.65
N GLY B 67 -16.49 -7.42 -1.35
CA GLY B 67 -16.00 -8.57 -0.55
C GLY B 67 -15.53 -9.78 -1.36
N GLN B 68 -15.80 -9.76 -2.66
CA GLN B 68 -15.29 -10.79 -3.54
C GLN B 68 -13.77 -10.81 -3.56
N LEU B 69 -13.19 -12.00 -3.49
CA LEU B 69 -11.74 -12.15 -3.60
C LEU B 69 -11.28 -12.40 -5.01
N MET B 70 -10.50 -11.50 -5.59
CA MET B 70 -9.91 -11.66 -6.90
C MET B 70 -8.60 -12.39 -6.76
N HIS B 71 -8.26 -13.18 -7.80
CA HIS B 71 -6.97 -13.83 -7.91
C HIS B 71 -6.23 -13.21 -9.06
N TYR B 72 -4.96 -13.59 -9.23
CA TYR B 72 -4.10 -12.99 -10.20
C TYR B 72 -3.76 -13.93 -11.35
N ASP B 73 -3.87 -13.47 -12.61
CA ASP B 73 -3.65 -14.36 -13.76
C ASP B 73 -2.24 -14.94 -13.80
N TYR B 74 -1.23 -14.16 -13.45
CA TYR B 74 0.15 -14.63 -13.55
C TYR B 74 0.87 -14.90 -12.21
N SER B 75 0.12 -15.05 -11.13
CA SER B 75 0.71 -15.32 -9.83
C SER B 75 0.06 -16.53 -9.19
N SER B 76 0.70 -17.06 -8.16
CA SER B 76 0.15 -18.19 -7.45
C SER B 76 -1.26 -17.83 -6.98
N HIS B 77 -2.09 -18.87 -6.93
CA HIS B 77 -3.46 -18.75 -6.53
C HIS B 77 -3.68 -18.24 -5.10
N LYS B 78 -2.65 -18.39 -4.25
CA LYS B 78 -2.72 -17.94 -2.84
C LYS B 78 -2.91 -16.40 -2.68
N TYR B 79 -2.49 -15.64 -3.69
CA TYR B 79 -2.64 -14.21 -3.68
C TYR B 79 -4.07 -13.81 -3.96
N VAL B 80 -4.60 -12.97 -3.08
CA VAL B 80 -5.94 -12.47 -3.22
C VAL B 80 -5.99 -10.96 -3.08
N PHE B 81 -7.04 -10.36 -3.63
CA PHE B 81 -7.36 -8.94 -3.49
C PHE B 81 -8.86 -8.79 -3.29
N SER B 82 -9.26 -8.21 -2.16
CA SER B 82 -10.69 -8.13 -1.82
C SER B 82 -11.30 -6.90 -2.47
N ILE B 83 -12.41 -7.07 -3.19
CA ILE B 83 -13.01 -5.95 -3.90
C ILE B 83 -13.73 -5.06 -2.90
N SER B 84 -13.31 -3.84 -2.80
CA SER B 84 -13.95 -2.93 -1.85
C SER B 84 -15.06 -2.16 -2.54
N ASN B 85 -15.89 -1.52 -1.72
CA ASN B 85 -16.84 -0.53 -2.16
C ASN B 85 -16.28 0.55 -3.13
N ASN B 86 -15.14 1.10 -2.74
CA ASN B 86 -14.46 2.10 -3.50
C ASN B 86 -13.94 1.62 -4.83
N PHE B 87 -13.34 0.45 -4.86
CA PHE B 87 -12.93 -0.15 -6.13
C PHE B 87 -14.14 -0.32 -7.07
N ARG B 88 -15.21 -0.90 -6.56
CA ARG B 88 -16.42 -1.16 -7.36
C ARG B 88 -16.93 0.14 -7.90
N SER B 89 -16.82 1.21 -7.13
CA SER B 89 -17.35 2.50 -7.55
C SER B 89 -16.58 3.10 -8.71
N LEU B 90 -15.36 2.61 -9.01
CA LEU B 90 -14.60 3.09 -10.12
C LEU B 90 -14.80 2.26 -11.41
N LEU B 91 -15.55 1.15 -11.33
CA LEU B 91 -15.83 0.32 -12.47
C LEU B 91 -16.92 0.99 -13.36
N PRO B 92 -16.83 0.85 -14.69
CA PRO B 92 -17.91 1.37 -15.54
C PRO B 92 -19.16 0.53 -15.38
N ASP B 93 -20.31 1.15 -15.63
CA ASP B 93 -21.62 0.49 -15.67
C ASP B 93 -21.75 -0.48 -16.84
N VAL B 94 -21.22 -0.04 -17.98
CA VAL B 94 -21.17 -0.83 -19.20
C VAL B 94 -19.83 -0.76 -19.91
N SER B 95 -19.44 -1.85 -20.56
CA SER B 95 -18.19 -1.96 -21.27
C SER B 95 -18.03 -0.70 -22.07
N PRO B 96 -16.96 0.05 -21.84
CA PRO B 96 -16.76 1.30 -22.63
C PRO B 96 -16.61 1.11 -24.14
N ILE B 97 -16.36 -0.11 -24.61
CA ILE B 97 -16.19 -0.31 -26.03
C ILE B 97 -17.42 -0.98 -26.62
N MET B 98 -18.49 -1.12 -25.85
CA MET B 98 -19.72 -1.74 -26.37
C MET B 98 -20.25 -0.92 -27.53
N ASN B 99 -20.48 -1.57 -28.66
CA ASN B 99 -21.01 -0.93 -29.87
C ASN B 99 -20.18 0.20 -30.40
N LYS B 100 -18.88 0.19 -30.12
CA LYS B 100 -17.94 1.17 -30.69
C LYS B 100 -17.27 0.56 -31.92
N HIS B 101 -17.07 1.35 -32.94
CA HIS B 101 -16.48 0.91 -34.21
C HIS B 101 -15.70 2.07 -34.84
N TYR B 102 -14.40 1.82 -35.05
CA TYR B 102 -13.45 2.81 -35.56
C TYR B 102 -12.92 2.21 -36.87
N ASN B 103 -12.58 3.09 -37.80
CA ASN B 103 -12.08 2.63 -39.11
C ASN B 103 -10.60 2.18 -38.97
N ILE B 104 -9.69 3.16 -38.94
CA ILE B 104 -8.23 2.94 -38.86
C ILE B 104 -7.75 3.12 -37.43
N CYS B 105 -7.21 2.05 -36.85
CA CYS B 105 -6.63 2.09 -35.54
C CYS B 105 -5.12 1.97 -35.61
N ALA B 106 -4.43 2.76 -34.79
CA ALA B 106 -3.02 2.55 -34.57
C ALA B 106 -2.81 1.94 -33.20
N VAL B 107 -2.01 0.88 -33.13
CA VAL B 107 -1.56 0.29 -31.88
C VAL B 107 -0.07 0.58 -31.76
N VAL B 108 0.29 1.43 -30.80
CA VAL B 108 1.68 1.93 -30.68
C VAL B 108 2.41 1.30 -29.53
N GLY B 109 3.30 0.36 -29.87
CA GLY B 109 4.20 -0.26 -28.93
C GLY B 109 5.29 0.71 -28.62
N ASN B 110 6.18 0.32 -27.72
CA ASN B 110 7.13 1.30 -27.17
C ASN B 110 8.60 1.19 -27.67
N SER B 111 8.85 0.36 -28.66
CA SER B 111 10.18 0.18 -29.24
C SER B 111 10.92 1.46 -29.61
N GLY B 112 12.22 1.42 -29.37
CA GLY B 112 13.11 2.53 -29.80
C GLY B 112 13.13 2.73 -31.33
N ILE B 113 12.69 1.73 -32.10
CA ILE B 113 12.54 1.87 -33.55
C ILE B 113 11.73 3.08 -33.96
N LEU B 114 10.83 3.55 -33.08
CA LEU B 114 10.07 4.78 -33.40
C LEU B 114 10.91 6.03 -33.39
N THR B 115 12.04 6.03 -32.69
CA THR B 115 12.85 7.26 -32.59
C THR B 115 13.37 7.69 -34.00
N GLY B 116 13.08 8.93 -34.39
CA GLY B 116 13.41 9.45 -35.71
C GLY B 116 12.60 8.94 -36.88
N SER B 117 11.52 8.20 -36.63
CA SER B 117 10.67 7.65 -37.69
C SER B 117 9.77 8.69 -38.34
N GLN B 118 9.54 9.78 -37.61
CA GLN B 118 8.54 10.78 -38.02
C GLN B 118 7.13 10.22 -38.30
N CYS B 119 6.79 9.16 -37.58
CA CYS B 119 5.49 8.56 -37.74
C CYS B 119 4.34 9.28 -37.00
N GLY B 120 4.61 10.41 -36.37
CA GLY B 120 3.64 11.10 -35.54
C GLY B 120 2.41 11.47 -36.29
N GLN B 121 2.61 12.07 -37.43
CA GLN B 121 1.49 12.61 -38.19
C GLN B 121 0.61 11.45 -38.70
N GLU B 122 1.24 10.40 -39.19
CA GLU B 122 0.55 9.26 -39.74
C GLU B 122 -0.23 8.51 -38.62
N ILE B 123 0.38 8.34 -37.44
CA ILE B 123 -0.29 7.75 -36.27
C ILE B 123 -1.54 8.59 -35.87
N ASP B 124 -1.38 9.92 -35.85
CA ASP B 124 -2.46 10.81 -35.47
C ASP B 124 -3.60 10.92 -36.45
N LYS B 125 -3.37 10.55 -37.71
CA LYS B 125 -4.45 10.50 -38.70
C LYS B 125 -5.41 9.33 -38.43
N SER B 126 -4.96 8.29 -37.71
CA SER B 126 -5.85 7.18 -37.32
C SER B 126 -7.13 7.68 -36.62
N ASP B 127 -8.19 6.91 -36.73
CA ASP B 127 -9.39 7.23 -36.00
C ASP B 127 -9.23 7.00 -34.48
N PHE B 128 -8.43 6.03 -34.08
CA PHE B 128 -8.32 5.64 -32.69
C PHE B 128 -6.90 5.18 -32.49
N VAL B 129 -6.23 5.68 -31.46
CA VAL B 129 -4.88 5.23 -31.14
C VAL B 129 -4.85 4.59 -29.75
N PHE B 130 -4.31 3.38 -29.70
CA PHE B 130 -3.94 2.66 -28.51
C PHE B 130 -2.44 2.89 -28.21
N ARG B 131 -2.13 3.24 -26.96
CA ARG B 131 -0.75 3.27 -26.40
C ARG B 131 -0.60 2.33 -25.20
N CYS B 132 0.65 2.00 -24.88
CA CYS B 132 1.01 1.01 -23.88
C CYS B 132 1.74 1.66 -22.66
N ASN B 133 1.30 1.27 -21.44
CA ASN B 133 1.93 1.62 -20.21
C ASN B 133 2.18 3.11 -20.02
N PHE B 134 1.20 3.92 -20.40
CA PHE B 134 1.19 5.30 -20.08
C PHE B 134 2.37 6.03 -20.69
N ALA B 135 2.82 5.50 -21.83
CA ALA B 135 3.97 6.04 -22.57
C ALA B 135 3.85 7.53 -22.81
N PRO B 136 4.96 8.26 -22.62
CA PRO B 136 4.97 9.74 -22.86
C PRO B 136 4.90 10.07 -24.37
N THR B 137 4.17 11.12 -24.67
CA THR B 137 4.05 11.66 -26.00
C THR B 137 4.55 13.10 -26.20
N GLU B 138 4.61 13.90 -25.13
CA GLU B 138 4.85 15.35 -25.25
C GLU B 138 6.20 15.69 -25.92
N ALA B 139 7.27 15.12 -25.39
CA ALA B 139 8.60 15.31 -25.94
C ALA B 139 8.89 14.47 -27.20
N PHE B 140 7.92 13.68 -27.68
CA PHE B 140 8.17 12.71 -28.76
C PHE B 140 7.13 12.74 -29.90
N GLN B 141 6.27 13.77 -29.94
CA GLN B 141 5.11 13.81 -30.84
C GLN B 141 5.41 13.65 -32.31
N ARG B 142 6.53 14.17 -32.78
CA ARG B 142 6.96 14.05 -34.18
C ARG B 142 7.12 12.62 -34.61
N ASP B 143 7.64 11.82 -33.69
CA ASP B 143 7.81 10.38 -33.93
C ASP B 143 6.59 9.52 -33.55
N VAL B 144 5.89 9.83 -32.43
CA VAL B 144 4.86 8.88 -31.92
C VAL B 144 3.42 9.38 -31.88
N GLY B 145 3.25 10.66 -32.19
CA GLY B 145 1.94 11.30 -32.17
C GLY B 145 1.61 11.88 -30.82
N ARG B 146 0.55 12.67 -30.80
CA ARG B 146 -0.03 13.25 -29.59
C ARG B 146 -1.44 12.67 -29.35
N LYS B 147 -1.99 11.90 -30.30
CA LYS B 147 -3.33 11.37 -30.18
C LYS B 147 -3.31 10.12 -29.30
N THR B 148 -4.26 10.07 -28.36
CA THR B 148 -4.40 8.95 -27.45
C THR B 148 -5.88 8.74 -27.12
N ASN B 149 -6.41 7.60 -27.51
CA ASN B 149 -7.77 7.23 -27.18
C ASN B 149 -7.83 6.14 -26.12
N LEU B 150 -6.75 5.37 -25.99
CA LEU B 150 -6.61 4.47 -24.88
C LEU B 150 -5.15 4.30 -24.58
N THR B 151 -4.81 4.27 -23.28
CA THR B 151 -3.50 3.84 -22.86
C THR B 151 -3.58 2.90 -21.67
N THR B 152 -2.68 1.92 -21.59
CA THR B 152 -2.72 0.98 -20.51
C THR B 152 -1.93 1.54 -19.34
N PHE B 153 -2.16 0.94 -18.16
CA PHE B 153 -1.59 1.44 -16.95
C PHE B 153 -1.44 0.33 -15.93
N ASN B 154 -0.25 -0.28 -15.86
CA ASN B 154 0.06 -1.19 -14.75
C ASN B 154 0.16 -0.33 -13.49
N PRO B 155 -0.56 -0.68 -12.42
CA PRO B 155 -0.52 0.21 -11.26
C PRO B 155 0.83 0.53 -10.66
N SER B 156 1.81 -0.33 -10.90
CA SER B 156 3.14 -0.12 -10.35
C SER B 156 3.81 1.09 -10.96
N ILE B 157 3.27 1.64 -12.04
CA ILE B 157 3.68 2.96 -12.48
C ILE B 157 3.66 3.98 -11.34
N LEU B 158 2.66 3.92 -10.47
CA LEU B 158 2.66 4.86 -9.36
C LEU B 158 3.92 4.75 -8.52
N GLU B 159 4.41 3.54 -8.32
CA GLU B 159 5.59 3.30 -7.47
C GLU B 159 6.86 3.80 -8.24
N LYS B 160 6.97 3.52 -9.54
CA LYS B 160 8.17 3.91 -10.32
C LYS B 160 8.29 5.38 -10.64
N TYR B 161 7.21 5.99 -11.08
CA TYR B 161 7.30 7.34 -11.58
C TYR B 161 6.59 8.37 -10.73
N TYR B 162 5.74 7.99 -9.74
CA TYR B 162 4.99 9.00 -8.98
C TYR B 162 5.13 8.85 -7.50
N ASN B 163 6.16 8.12 -7.10
CA ASN B 163 6.58 8.06 -5.69
C ASN B 163 5.42 7.66 -4.75
N ASN B 164 4.62 6.69 -5.20
CA ASN B 164 3.44 6.24 -4.48
C ASN B 164 2.50 7.36 -4.01
N LEU B 165 2.46 8.47 -4.73
CA LEU B 165 1.57 9.54 -4.37
C LEU B 165 1.72 9.98 -2.90
N LEU B 166 2.94 9.94 -2.41
CA LEU B 166 3.33 10.35 -1.02
C LEU B 166 3.36 11.83 -0.75
N THR B 167 3.60 12.67 -1.76
CA THR B 167 3.66 14.13 -1.54
C THR B 167 2.67 14.87 -2.37
N ILE B 168 2.41 16.11 -1.99
CA ILE B 168 1.60 17.00 -2.82
C ILE B 168 2.12 17.11 -4.26
N GLN B 169 3.45 17.13 -4.43
CA GLN B 169 3.98 17.29 -5.78
C GLN B 169 3.72 16.05 -6.65
N ASP B 170 3.91 14.88 -6.05
CA ASP B 170 3.59 13.61 -6.72
C ASP B 170 2.11 13.53 -7.13
N ARG B 171 1.22 13.82 -6.19
CA ARG B 171 -0.21 13.89 -6.46
C ARG B 171 -0.54 14.85 -7.58
N ASN B 172 0.10 16.02 -7.57
CA ASN B 172 -0.12 17.01 -8.60
C ASN B 172 0.41 16.60 -9.97
N ASN B 173 1.56 15.96 -9.98
CA ASN B 173 2.10 15.44 -11.24
C ASN B 173 1.20 14.38 -11.84
N PHE B 174 0.68 13.51 -10.99
CA PHE B 174 -0.13 12.44 -11.50
C PHE B 174 -1.43 13.01 -12.00
N PHE B 175 -2.01 13.90 -11.22
CA PHE B 175 -3.22 14.57 -11.67
C PHE B 175 -3.08 15.21 -13.07
N LEU B 176 -1.98 15.93 -13.30
CA LEU B 176 -1.76 16.64 -14.56
C LEU B 176 -1.59 15.65 -15.72
N SER B 177 -0.88 14.57 -15.45
CA SER B 177 -0.72 13.48 -16.46
C SER B 177 -2.08 12.91 -16.80
N LEU B 178 -2.96 12.74 -15.80
CA LEU B 178 -4.31 12.27 -16.09
C LEU B 178 -5.09 13.29 -16.89
N LYS B 179 -4.98 14.55 -16.50
CA LYS B 179 -5.76 15.63 -17.15
C LYS B 179 -5.42 15.73 -18.63
N LYS B 180 -4.15 15.56 -18.99
CA LYS B 180 -3.70 15.52 -20.40
C LYS B 180 -4.33 14.42 -21.23
N LEU B 181 -4.84 13.35 -20.62
CA LEU B 181 -5.57 12.33 -21.38
C LEU B 181 -6.93 12.72 -21.82
N ASP B 182 -7.47 13.82 -21.26
CA ASP B 182 -8.82 14.24 -21.63
C ASP B 182 -9.81 13.07 -21.37
N GLY B 183 -10.63 12.72 -22.35
CA GLY B 183 -11.66 11.70 -22.23
C GLY B 183 -11.18 10.33 -22.72
N ALA B 184 -9.88 10.14 -22.90
CA ALA B 184 -9.36 8.83 -23.27
C ALA B 184 -9.65 7.73 -22.19
N ILE B 185 -9.56 6.49 -22.60
CA ILE B 185 -9.64 5.34 -21.71
C ILE B 185 -8.30 5.06 -21.08
N LEU B 186 -8.31 4.94 -19.76
CA LEU B 186 -7.12 4.43 -19.05
C LEU B 186 -7.45 3.00 -18.65
N TRP B 187 -6.69 2.05 -19.24
CA TRP B 187 -6.95 0.64 -19.17
C TRP B 187 -5.99 0.05 -18.17
N ILE B 188 -6.50 -0.32 -16.98
CA ILE B 188 -5.71 -0.63 -15.80
C ILE B 188 -5.83 -2.07 -15.41
N PRO B 189 -4.79 -2.89 -15.69
CA PRO B 189 -4.89 -4.28 -15.32
C PRO B 189 -4.29 -4.55 -13.96
N ALA B 190 -5.18 -4.59 -12.97
CA ALA B 190 -4.75 -4.75 -11.65
C ALA B 190 -4.71 -6.20 -11.22
N PHE B 191 -5.09 -7.14 -12.06
CA PHE B 191 -5.25 -8.53 -11.58
C PHE B 191 -4.43 -9.52 -12.38
N PHE B 192 -3.34 -9.03 -12.93
CA PHE B 192 -2.36 -9.86 -13.64
C PHE B 192 -1.22 -10.28 -12.73
N PHE B 193 -0.68 -9.32 -11.97
CA PHE B 193 0.44 -9.58 -11.08
C PHE B 193 0.14 -9.21 -9.64
N HIS B 194 0.41 -10.11 -8.69
CA HIS B 194 0.14 -9.87 -7.26
C HIS B 194 0.85 -8.67 -6.74
N THR B 195 1.97 -8.30 -7.37
CA THR B 195 2.72 -7.11 -7.00
C THR B 195 1.96 -5.80 -7.27
N SER B 196 0.83 -5.86 -7.98
CA SER B 196 -0.08 -4.71 -8.08
C SER B 196 -0.87 -4.38 -6.81
N ALA B 197 -0.93 -5.29 -5.85
CA ALA B 197 -1.99 -5.24 -4.85
C ALA B 197 -1.97 -3.95 -4.04
N THR B 198 -0.86 -3.64 -3.42
CA THR B 198 -0.83 -2.55 -2.47
C THR B 198 -0.95 -1.19 -3.19
N VAL B 199 -0.27 -1.05 -4.34
CA VAL B 199 -0.38 0.19 -5.12
C VAL B 199 -1.77 0.39 -5.71
N THR B 200 -2.45 -0.68 -5.99
CA THR B 200 -3.84 -0.55 -6.45
C THR B 200 -4.70 0.20 -5.40
N ARG B 201 -4.48 -0.03 -4.12
CA ARG B 201 -5.25 0.66 -3.10
C ARG B 201 -4.92 2.13 -3.16
N THR B 202 -3.66 2.46 -3.42
CA THR B 202 -3.28 3.87 -3.51
C THR B 202 -3.95 4.55 -4.70
N LEU B 203 -3.96 3.84 -5.82
CA LEU B 203 -4.57 4.30 -7.06
C LEU B 203 -6.06 4.54 -6.88
N VAL B 204 -6.72 3.53 -6.30
CA VAL B 204 -8.17 3.61 -6.00
C VAL B 204 -8.47 4.78 -5.12
N ASP B 205 -7.72 4.96 -4.02
CA ASP B 205 -7.94 6.09 -3.12
C ASP B 205 -7.77 7.44 -3.84
N PHE B 206 -6.79 7.54 -4.72
CA PHE B 206 -6.64 8.76 -5.48
C PHE B 206 -7.82 9.01 -6.37
N PHE B 207 -8.27 8.01 -7.08
CA PHE B 207 -9.38 8.25 -8.00
C PHE B 207 -10.66 8.55 -7.26
N VAL B 208 -10.90 7.88 -6.14
CA VAL B 208 -12.11 8.20 -5.37
C VAL B 208 -12.06 9.64 -4.88
N GLU B 209 -10.90 10.00 -4.35
CA GLU B 209 -10.67 11.35 -3.80
C GLU B 209 -10.93 12.40 -4.86
N HIS B 210 -10.60 12.09 -6.12
CA HIS B 210 -10.72 13.07 -7.23
C HIS B 210 -11.87 12.82 -8.15
N ARG B 211 -12.87 12.05 -7.71
CA ARG B 211 -14.02 11.68 -8.54
C ARG B 211 -14.67 12.95 -9.19
N GLY B 212 -14.94 12.88 -10.48
CA GLY B 212 -15.55 14.02 -11.19
C GLY B 212 -14.62 15.18 -11.53
N GLN B 213 -13.40 15.18 -11.03
CA GLN B 213 -12.46 16.16 -11.45
C GLN B 213 -11.73 15.90 -12.76
N LEU B 214 -11.80 14.69 -13.33
CA LEU B 214 -11.09 14.33 -14.56
C LEU B 214 -12.04 13.69 -15.51
N LYS B 215 -11.80 13.88 -16.80
CA LYS B 215 -12.64 13.27 -17.84
C LYS B 215 -12.24 11.84 -18.26
N VAL B 216 -11.11 11.37 -17.73
CA VAL B 216 -10.58 10.08 -18.07
C VAL B 216 -11.63 9.01 -17.77
N GLN B 217 -11.84 8.13 -18.72
CA GLN B 217 -12.68 7.00 -18.54
C GLN B 217 -11.83 5.77 -18.08
N LEU B 218 -12.12 5.27 -16.87
CA LEU B 218 -11.38 4.13 -16.30
C LEU B 218 -11.88 2.82 -16.84
N ALA B 219 -10.99 1.89 -17.12
CA ALA B 219 -11.40 0.50 -17.43
C ALA B 219 -10.49 -0.44 -16.67
N TRP B 220 -11.06 -1.54 -16.17
CA TRP B 220 -10.35 -2.43 -15.25
C TRP B 220 -10.58 -3.87 -15.65
N PRO B 221 -9.73 -4.40 -16.54
CA PRO B 221 -9.92 -5.79 -16.92
C PRO B 221 -9.68 -6.70 -15.75
N GLY B 222 -10.42 -7.80 -15.71
CA GLY B 222 -10.20 -8.82 -14.71
C GLY B 222 -9.29 -9.96 -15.21
N ASN B 223 -9.68 -11.21 -14.92
CA ASN B 223 -8.89 -12.39 -15.18
C ASN B 223 -9.12 -12.85 -16.57
N ILE B 224 -8.50 -12.20 -17.51
CA ILE B 224 -8.83 -12.45 -18.89
C ILE B 224 -7.75 -13.18 -19.65
N MET B 225 -6.54 -13.28 -19.12
CA MET B 225 -5.47 -13.86 -19.90
C MET B 225 -5.70 -15.37 -20.31
N GLN B 226 -6.37 -16.16 -19.50
CA GLN B 226 -6.75 -17.52 -19.90
C GLN B 226 -7.56 -17.52 -21.22
N HIS B 227 -8.45 -16.54 -21.39
CA HIS B 227 -9.29 -16.47 -22.57
C HIS B 227 -8.52 -15.95 -23.78
N VAL B 228 -7.74 -14.90 -23.55
CA VAL B 228 -6.93 -14.33 -24.61
C VAL B 228 -5.88 -15.34 -25.07
N ASN B 229 -5.26 -16.05 -24.15
CA ASN B 229 -4.27 -17.07 -24.54
C ASN B 229 -4.84 -18.14 -25.47
N ARG B 230 -6.10 -18.51 -25.34
CA ARG B 230 -6.65 -19.55 -26.21
C ARG B 230 -6.60 -19.23 -27.68
N TYR B 231 -6.95 -18.01 -28.08
CA TYR B 231 -6.81 -17.68 -29.48
C TYR B 231 -5.34 -17.81 -29.91
N TRP B 232 -4.40 -17.25 -29.15
CA TRP B 232 -3.03 -17.24 -29.61
C TRP B 232 -2.29 -18.59 -29.51
N LYS B 233 -2.70 -19.51 -28.61
CA LYS B 233 -2.19 -20.92 -28.55
C LYS B 233 -2.38 -21.62 -29.91
N ASN B 234 -3.58 -21.52 -30.49
CA ASN B 234 -3.88 -22.02 -31.86
C ASN B 234 -2.91 -21.52 -32.93
N LYS B 235 -2.34 -20.33 -32.74
CA LYS B 235 -1.32 -19.76 -33.64
C LYS B 235 0.10 -20.08 -33.17
N HIS B 236 0.27 -21.13 -32.38
CA HIS B 236 1.61 -21.65 -32.07
C HIS B 236 2.48 -20.59 -31.37
N LEU B 237 1.83 -19.95 -30.41
CA LEU B 237 2.45 -18.95 -29.57
C LEU B 237 1.98 -19.23 -28.15
N SER B 238 2.88 -19.77 -27.31
CA SER B 238 2.52 -20.11 -25.91
C SER B 238 3.55 -19.65 -24.84
N PRO B 239 3.78 -18.31 -24.73
CA PRO B 239 4.53 -17.79 -23.58
C PRO B 239 3.77 -18.02 -22.27
N LYS B 240 4.51 -17.99 -21.15
CA LYS B 240 3.84 -17.82 -19.86
C LYS B 240 3.00 -16.50 -19.93
N ARG B 241 3.55 -15.43 -20.57
CA ARG B 241 2.87 -14.13 -20.70
C ARG B 241 2.90 -13.51 -22.09
N LEU B 242 1.74 -13.27 -22.67
CA LEU B 242 1.63 -12.45 -23.85
C LEU B 242 1.90 -11.01 -23.48
N SER B 243 2.42 -10.22 -24.40
CA SER B 243 2.75 -8.85 -24.10
C SER B 243 1.55 -7.92 -24.16
N THR B 244 1.69 -6.75 -23.54
CA THR B 244 0.67 -5.73 -23.60
C THR B 244 0.34 -5.40 -25.08
N GLY B 245 1.36 -5.34 -25.93
CA GLY B 245 1.15 -4.97 -27.31
C GLY B 245 0.23 -5.90 -28.04
N ILE B 246 0.42 -7.18 -27.80
CA ILE B 246 -0.41 -8.15 -28.52
C ILE B 246 -1.84 -8.29 -27.90
N LEU B 247 -1.94 -8.00 -26.60
CA LEU B 247 -3.20 -7.90 -25.94
C LEU B 247 -3.96 -6.73 -26.55
N MET B 248 -3.27 -5.64 -26.84
CA MET B 248 -3.95 -4.50 -27.48
C MET B 248 -4.48 -4.86 -28.90
N TYR B 249 -3.70 -5.63 -29.64
CA TYR B 249 -4.11 -6.04 -30.95
C TYR B 249 -5.37 -6.82 -30.83
N THR B 250 -5.42 -7.70 -29.82
CA THR B 250 -6.56 -8.53 -29.64
C THR B 250 -7.85 -7.73 -29.39
N LEU B 251 -7.76 -6.77 -28.49
CA LEU B 251 -8.88 -5.89 -28.22
C LEU B 251 -9.29 -5.10 -29.46
N ALA B 252 -8.30 -4.50 -30.09
CA ALA B 252 -8.48 -3.70 -31.26
C ALA B 252 -9.18 -4.46 -32.39
N SER B 253 -8.98 -5.77 -32.48
CA SER B 253 -9.58 -6.53 -33.53
C SER B 253 -11.11 -6.43 -33.48
N ALA B 254 -11.69 -6.26 -32.28
CA ALA B 254 -13.14 -6.22 -32.17
C ALA B 254 -13.70 -4.85 -32.54
N ILE B 255 -12.95 -3.79 -32.38
CA ILE B 255 -13.52 -2.49 -32.58
C ILE B 255 -12.89 -1.69 -33.74
N CYS B 256 -11.92 -2.27 -34.47
CA CYS B 256 -11.25 -1.55 -35.56
C CYS B 256 -11.50 -2.27 -36.88
N GLU B 257 -11.75 -1.55 -37.96
CA GLU B 257 -11.83 -2.17 -39.32
C GLU B 257 -10.44 -2.52 -39.87
N GLU B 258 -9.42 -1.73 -39.50
CA GLU B 258 -8.04 -1.96 -39.97
C GLU B 258 -7.04 -1.47 -38.93
N ILE B 259 -6.03 -2.29 -38.62
CA ILE B 259 -5.08 -2.05 -37.53
C ILE B 259 -3.66 -1.86 -38.10
N HIS B 260 -3.04 -0.74 -37.77
CA HIS B 260 -1.70 -0.43 -38.14
C HIS B 260 -0.85 -0.41 -36.88
N LEU B 261 0.24 -1.18 -36.91
CA LEU B 261 1.14 -1.34 -35.76
C LEU B 261 2.37 -0.49 -35.91
N TYR B 262 2.79 0.14 -34.81
CA TYR B 262 4.01 0.96 -34.75
C TYR B 262 4.73 0.66 -33.44
N GLY B 263 6.07 0.80 -33.41
CA GLY B 263 6.82 0.54 -32.22
C GLY B 263 6.82 -0.88 -31.72
N PHE B 264 6.61 -1.86 -32.62
CA PHE B 264 6.79 -3.28 -32.34
C PHE B 264 8.08 -3.78 -32.99
N TRP B 265 9.09 -4.08 -32.18
CA TRP B 265 10.46 -4.37 -32.64
C TRP B 265 11.28 -4.62 -31.38
N PRO B 266 11.27 -5.86 -30.91
CA PRO B 266 11.81 -6.19 -29.62
C PRO B 266 13.32 -6.48 -29.65
N PHE B 267 14.08 -5.65 -30.33
CA PHE B 267 15.50 -5.95 -30.50
C PHE B 267 16.25 -4.68 -30.14
N GLY B 268 17.49 -4.89 -29.67
CA GLY B 268 18.37 -3.81 -29.23
C GLY B 268 19.13 -3.09 -30.32
N PHE B 269 18.76 -3.36 -31.57
CA PHE B 269 19.52 -2.93 -32.72
C PHE B 269 18.63 -2.49 -33.86
N ASP B 270 19.09 -1.49 -34.59
CA ASP B 270 18.37 -1.00 -35.74
C ASP B 270 18.25 -2.10 -36.78
N PRO B 271 17.06 -2.28 -37.37
CA PRO B 271 16.92 -3.44 -38.28
C PRO B 271 17.80 -3.37 -39.54
N ASN B 272 18.06 -2.17 -40.01
CA ASN B 272 18.84 -1.91 -41.18
C ASN B 272 20.35 -1.80 -40.92
N THR B 273 20.74 -0.91 -40.00
CA THR B 273 22.15 -0.64 -39.70
C THR B 273 22.79 -1.59 -38.74
N ARG B 274 21.96 -2.25 -37.92
CA ARG B 274 22.43 -3.05 -36.79
C ARG B 274 23.12 -2.24 -35.66
N GLU B 275 23.10 -0.91 -35.67
CA GLU B 275 23.66 -0.09 -34.57
C GLU B 275 22.74 -0.26 -33.35
N ASP B 276 23.29 -0.09 -32.14
CA ASP B 276 22.51 -0.13 -30.90
C ASP B 276 21.27 0.77 -30.99
N LEU B 277 20.17 0.27 -30.42
CA LEU B 277 18.86 0.97 -30.36
C LEU B 277 18.37 0.77 -28.95
N PRO B 278 17.84 1.84 -28.34
CA PRO B 278 17.17 1.59 -27.07
C PRO B 278 15.89 0.72 -27.19
N TYR B 279 15.63 -0.04 -26.13
CA TYR B 279 14.43 -0.83 -25.97
C TYR B 279 13.16 -0.01 -26.01
N HIS B 280 13.23 1.25 -25.57
CA HIS B 280 12.13 2.19 -25.65
C HIS B 280 12.47 3.47 -26.33
N TYR B 281 11.53 4.01 -27.10
CA TYR B 281 11.74 5.29 -27.73
C TYR B 281 11.95 6.45 -26.76
N TYR B 282 11.56 6.31 -25.49
CA TYR B 282 11.58 7.41 -24.51
C TYR B 282 12.68 7.18 -23.50
N ASP B 283 13.37 6.05 -23.60
CA ASP B 283 14.35 5.74 -22.58
C ASP B 283 15.61 5.35 -23.27
N LYS B 284 16.16 6.39 -23.91
CA LYS B 284 17.26 6.33 -24.85
C LYS B 284 18.61 6.72 -24.20
N LYS B 285 18.88 8.03 -24.16
CA LYS B 285 20.05 8.57 -23.51
C LYS B 285 19.90 8.36 -22.00
N GLY B 286 21.05 8.21 -21.33
CA GLY B 286 21.16 8.16 -19.88
C GLY B 286 21.67 6.81 -19.46
N THR B 287 22.09 6.71 -18.20
CA THR B 287 22.73 5.50 -17.64
C THR B 287 21.59 4.47 -17.48
N LYS B 288 21.20 3.88 -18.62
CA LYS B 288 19.98 3.12 -18.72
C LYS B 288 20.26 1.70 -18.20
N PHE B 289 19.82 1.43 -16.96
CA PHE B 289 19.99 0.11 -16.32
C PHE B 289 19.46 -0.96 -17.29
N THR B 290 20.35 -1.89 -17.63
CA THR B 290 20.09 -3.01 -18.54
C THR B 290 20.06 -4.33 -17.71
N THR B 291 18.88 -4.95 -17.64
CA THR B 291 18.62 -6.22 -16.93
C THR B 291 18.07 -7.28 -17.92
N LYS B 292 17.57 -8.42 -17.39
CA LYS B 292 16.78 -9.41 -18.17
C LYS B 292 15.31 -8.96 -18.26
N TRP B 293 15.12 -7.94 -19.10
CA TRP B 293 13.82 -7.44 -19.56
C TRP B 293 13.22 -8.43 -20.59
N GLN B 294 14.07 -9.05 -21.40
CA GLN B 294 13.61 -10.05 -22.41
C GLN B 294 12.97 -11.30 -21.82
N GLU B 295 13.34 -11.69 -20.60
CA GLU B 295 12.87 -12.96 -20.01
C GLU B 295 11.36 -12.90 -19.64
N SER B 296 10.80 -11.70 -19.56
CA SER B 296 9.36 -11.52 -19.39
C SER B 296 8.49 -12.29 -20.42
N HIS B 297 8.75 -12.12 -21.73
CA HIS B 297 7.66 -12.18 -22.72
C HIS B 297 7.56 -13.06 -23.98
N GLN B 298 8.67 -13.58 -24.48
CA GLN B 298 8.70 -14.20 -25.84
C GLN B 298 8.34 -13.18 -26.98
N LEU B 299 8.81 -11.96 -26.80
CA LEU B 299 8.55 -10.91 -27.76
C LEU B 299 9.07 -11.26 -29.15
N PRO B 300 10.24 -11.93 -29.25
CA PRO B 300 10.67 -12.36 -30.57
C PRO B 300 9.67 -13.27 -31.29
N ALA B 301 9.06 -14.22 -30.59
CA ALA B 301 8.03 -15.06 -31.18
C ALA B 301 6.73 -14.25 -31.55
N GLU B 302 6.30 -13.36 -30.67
CA GLU B 302 5.21 -12.44 -31.01
C GLU B 302 5.54 -11.67 -32.29
N PHE B 303 6.73 -11.08 -32.32
CA PHE B 303 7.11 -10.26 -33.43
C PHE B 303 7.11 -11.12 -34.72
N GLN B 304 7.63 -12.34 -34.65
CA GLN B 304 7.61 -13.23 -35.82
C GLN B 304 6.18 -13.40 -36.28
N LEU B 305 5.27 -13.70 -35.36
CA LEU B 305 3.87 -13.89 -35.73
C LEU B 305 3.21 -12.63 -36.35
N LEU B 306 3.48 -11.45 -35.78
CA LEU B 306 2.95 -10.23 -36.33
C LEU B 306 3.52 -9.96 -37.70
N TYR B 307 4.77 -10.35 -37.89
CA TYR B 307 5.44 -10.17 -39.16
C TYR B 307 4.80 -11.08 -40.22
N ARG B 308 4.53 -12.34 -39.90
CA ARG B 308 3.73 -13.24 -40.78
C ARG B 308 2.36 -12.55 -41.13
N MET B 309 1.69 -12.02 -40.11
CA MET B 309 0.38 -11.40 -40.29
C MET B 309 0.46 -10.22 -41.20
N HIS B 310 1.53 -9.47 -41.07
CA HIS B 310 1.78 -8.35 -41.99
C HIS B 310 1.82 -8.87 -43.44
N GLY B 311 2.52 -9.99 -43.63
CA GLY B 311 2.69 -10.59 -44.94
C GLY B 311 1.38 -11.06 -45.51
N GLU B 312 0.49 -11.57 -44.64
CA GLU B 312 -0.83 -12.04 -45.06
C GLU B 312 -1.85 -10.90 -45.25
N GLY B 313 -1.43 -9.65 -45.14
CA GLY B 313 -2.32 -8.48 -45.21
C GLY B 313 -3.30 -8.28 -44.02
N LEU B 314 -3.11 -8.98 -42.90
CA LEU B 314 -4.03 -8.87 -41.78
C LEU B 314 -3.92 -7.53 -41.09
N THR B 315 -2.69 -7.01 -40.99
CA THR B 315 -2.33 -5.78 -40.30
C THR B 315 -1.07 -5.22 -40.95
N LYS B 316 -0.83 -3.93 -40.77
CA LYS B 316 0.36 -3.27 -41.24
C LYS B 316 1.36 -2.99 -40.11
N LEU B 317 2.44 -3.76 -40.11
CA LEU B 317 3.61 -3.59 -39.24
C LEU B 317 4.63 -2.62 -39.82
N THR B 318 4.71 -1.43 -39.24
CA THR B 318 5.65 -0.43 -39.66
C THR B 318 7.02 -0.59 -38.94
N LEU B 319 8.07 -0.75 -39.74
CA LEU B 319 9.47 -0.94 -39.29
C LEU B 319 10.45 0.10 -39.82
N SER B 320 9.95 1.21 -40.37
CA SER B 320 10.83 2.15 -41.02
C SER B 320 10.22 3.51 -40.90
N HIS B 321 10.89 4.50 -41.45
CA HIS B 321 10.43 5.88 -41.32
C HIS B 321 9.13 6.04 -42.04
N CYS B 322 8.24 6.89 -41.53
CA CYS B 322 6.97 7.21 -42.22
C CYS B 322 7.16 8.35 -43.21
N ALA B 323 7.88 9.39 -42.80
CA ALA B 323 8.35 10.46 -43.69
C ALA B 323 9.79 10.98 -43.41
#